data_6O3Y
#
_entry.id   6O3Y
#
_cell.length_a   98.671
_cell.length_b   103.046
_cell.length_c   115.365
_cell.angle_alpha   90.00
_cell.angle_beta   90.00
_cell.angle_gamma   90.00
#
_symmetry.space_group_name_H-M   'C 2 2 21'
#
loop_
_entity.id
_entity.type
_entity.pdbx_description
1 polymer 'Protein NRD1'
2 polymer 'Helicase SEN1'
3 non-polymer 'CHLORIDE ION'
#
loop_
_entity_poly.entity_id
_entity_poly.type
_entity_poly.pdbx_seq_one_letter_code
_entity_poly.pdbx_strand_id
1 'polypeptide(L)'
;MGSSHHHHHHSSGLVPRGSHMDFQNFVATLESFKDLKSGISGSRIKKLTTYALDHIDIESKIISLIIDYSRLCPDSHKLG
SLYIIDSIGRAYLDETRSNSNSSSNKPGTCAHAINTLGEVIQELLSDAIAKSNQDHKEKIRMLLDIWDRSGLFQKSYLNA
IRSKCFAMDISN
;
A,B,C
2 'polypeptide(L)' EAEDPYDLNPHPQ D,E,F
#
loop_
_chem_comp.id
_chem_comp.type
_chem_comp.name
_chem_comp.formula
CL non-polymer 'CHLORIDE ION' 'Cl -1'
#
# COMPACT_ATOMS: atom_id res chain seq x y z
N MET A 21 2.30 8.29 9.85
CA MET A 21 0.89 8.56 10.04
C MET A 21 0.11 7.62 9.13
N ASP A 22 -0.83 6.87 9.69
CA ASP A 22 -1.65 5.97 8.89
C ASP A 22 -3.10 6.34 9.09
N PHE A 23 -3.98 5.65 8.37
CA PHE A 23 -5.36 6.07 8.32
C PHE A 23 -5.96 6.12 9.71
N GLN A 24 -5.46 5.28 10.61
CA GLN A 24 -6.01 5.31 11.96
C GLN A 24 -5.68 6.64 12.64
N ASN A 25 -4.55 7.26 12.28
CA ASN A 25 -4.27 8.55 12.87
C ASN A 25 -5.09 9.64 12.23
N PHE A 26 -5.51 9.43 10.99
CA PHE A 26 -6.46 10.36 10.37
C PHE A 26 -7.80 10.26 11.10
N VAL A 27 -8.28 9.04 11.33
CA VAL A 27 -9.52 8.88 12.07
C VAL A 27 -9.35 9.46 13.46
N ALA A 28 -8.28 9.05 14.15
CA ALA A 28 -8.06 9.50 15.51
C ALA A 28 -7.94 11.01 15.57
N THR A 29 -7.15 11.59 14.65
CA THR A 29 -7.04 13.06 14.59
C THR A 29 -8.41 13.69 14.44
N LEU A 30 -9.17 13.19 13.46
CA LEU A 30 -10.50 13.71 13.20
C LEU A 30 -11.46 13.42 14.35
N GLU A 31 -11.28 12.29 15.03
CA GLU A 31 -12.12 11.99 16.20
C GLU A 31 -11.82 12.96 17.33
N SER A 32 -10.60 13.47 17.39
CA SER A 32 -10.22 14.34 18.49
C SER A 32 -10.77 15.75 18.33
N PHE A 33 -11.36 16.09 17.17
CA PHE A 33 -11.95 17.42 17.11
C PHE A 33 -13.14 17.53 18.04
N LYS A 34 -13.61 16.41 18.56
CA LYS A 34 -14.77 16.44 19.45
C LYS A 34 -14.44 16.99 20.81
N ASP A 35 -13.16 16.95 21.24
CA ASP A 35 -12.76 17.53 22.52
C ASP A 35 -12.41 19.01 22.41
N LEU A 36 -12.56 19.61 21.24
CA LEU A 36 -12.25 21.02 21.03
C LEU A 36 -13.55 21.81 21.13
N LYS A 37 -13.59 22.77 22.07
CA LYS A 37 -14.81 23.57 22.27
C LYS A 37 -15.27 24.23 20.97
N SER A 38 -14.34 24.87 20.25
CA SER A 38 -14.64 25.54 18.98
C SER A 38 -14.92 24.58 17.84
N GLY A 39 -14.24 23.42 17.83
CA GLY A 39 -14.23 22.56 16.66
C GLY A 39 -13.23 22.95 15.61
N ILE A 40 -12.29 23.83 15.95
CA ILE A 40 -11.34 24.41 14.99
C ILE A 40 -9.93 24.25 15.53
N SER A 41 -9.04 23.69 14.71
CA SER A 41 -7.62 23.57 15.03
C SER A 41 -6.86 23.56 13.71
N GLY A 42 -6.13 24.63 13.44
CA GLY A 42 -5.43 24.72 12.18
C GLY A 42 -4.31 23.73 12.04
N SER A 43 -3.66 23.37 13.15
CA SER A 43 -2.59 22.38 13.08
C SER A 43 -3.13 21.04 12.63
N ARG A 44 -4.26 20.63 13.19
CA ARG A 44 -4.83 19.33 12.87
C ARG A 44 -5.45 19.32 11.48
N ILE A 45 -6.03 20.44 11.05
CA ILE A 45 -6.49 20.52 9.67
C ILE A 45 -5.29 20.46 8.74
N LYS A 46 -4.15 20.99 9.17
CA LYS A 46 -2.94 20.91 8.36
C LYS A 46 -2.39 19.50 8.35
N LYS A 47 -2.61 18.73 9.43
CA LYS A 47 -2.25 17.33 9.44
C LYS A 47 -3.13 16.54 8.48
N LEU A 48 -4.45 16.74 8.59
CA LEU A 48 -5.38 16.04 7.71
C LEU A 48 -5.07 16.31 6.25
N THR A 49 -4.87 17.59 5.91
CA THR A 49 -4.62 18.00 4.54
C THR A 49 -3.32 17.43 4.00
N THR A 50 -2.24 17.51 4.80
CA THR A 50 -1.00 16.88 4.36
C THR A 50 -1.25 15.42 4.11
N TYR A 51 -1.99 14.75 5.02
CA TYR A 51 -2.30 13.35 4.83
C TYR A 51 -3.12 13.17 3.57
N ALA A 52 -4.11 14.03 3.37
CA ALA A 52 -4.94 13.94 2.17
C ALA A 52 -4.10 14.09 0.90
N LEU A 53 -3.03 14.86 0.95
CA LEU A 53 -2.18 15.04 -0.21
C LEU A 53 -1.25 13.85 -0.43
N ASP A 54 -0.98 13.06 0.62
CA ASP A 54 -0.15 11.87 0.51
C ASP A 54 -0.95 10.60 0.29
N HIS A 55 -2.27 10.65 0.36
CA HIS A 55 -3.01 9.41 0.23
C HIS A 55 -4.21 9.57 -0.69
N ILE A 56 -3.98 10.22 -1.82
CA ILE A 56 -5.03 10.32 -2.83
C ILE A 56 -5.42 8.94 -3.35
N ASP A 57 -4.49 7.98 -3.29
CA ASP A 57 -4.80 6.62 -3.72
C ASP A 57 -5.96 6.04 -2.93
N ILE A 58 -6.14 6.51 -1.69
CA ILE A 58 -7.34 6.22 -0.90
C ILE A 58 -8.09 7.51 -0.65
N GLU A 59 -8.41 8.27 -1.70
CA GLU A 59 -9.14 9.49 -1.40
C GLU A 59 -10.61 9.20 -1.10
N SER A 60 -11.18 8.12 -1.64
CA SER A 60 -12.62 7.89 -1.49
C SER A 60 -12.97 7.67 -0.04
N LYS A 61 -12.03 7.13 0.69
CA LYS A 61 -12.18 6.79 2.10
C LYS A 61 -12.03 8.03 2.96
N ILE A 62 -11.02 8.83 2.65
CA ILE A 62 -10.84 10.13 3.25
C ILE A 62 -12.06 11.03 3.02
N ILE A 63 -12.59 11.01 1.79
CA ILE A 63 -13.66 11.94 1.45
C ILE A 63 -14.93 11.62 2.19
N SER A 64 -15.40 10.37 2.16
CA SER A 64 -16.64 10.09 2.88
C SER A 64 -16.46 10.25 4.38
N LEU A 65 -15.28 10.00 4.90
CA LEU A 65 -15.06 10.31 6.30
C LEU A 65 -15.25 11.81 6.55
N ILE A 66 -14.55 12.69 5.83
CA ILE A 66 -14.79 14.12 6.12
C ILE A 66 -16.19 14.56 5.71
N ILE A 67 -16.82 13.88 4.74
CA ILE A 67 -18.21 14.17 4.40
C ILE A 67 -19.13 13.76 5.55
N ASP A 68 -18.90 12.56 6.08
CA ASP A 68 -19.76 12.07 7.15
C ASP A 68 -19.51 12.85 8.43
N TYR A 69 -18.28 13.28 8.65
CA TYR A 69 -18.03 14.03 9.87
C TYR A 69 -18.85 15.31 9.92
N SER A 70 -18.98 15.99 8.77
CA SER A 70 -19.81 17.19 8.76
C SER A 70 -21.28 16.86 9.04
N ARG A 71 -21.79 15.75 8.51
CA ARG A 71 -23.17 15.36 8.84
C ARG A 71 -23.36 15.06 10.34
N LEU A 72 -22.35 14.55 11.03
CA LEU A 72 -22.61 14.00 12.36
C LEU A 72 -22.05 14.80 13.53
N CYS A 73 -21.16 15.76 13.29
CA CYS A 73 -20.54 16.46 14.41
C CYS A 73 -21.57 17.33 15.10
N PRO A 74 -21.26 17.82 16.31
CA PRO A 74 -22.16 18.76 16.99
C PRO A 74 -22.35 20.07 16.23
N ASP A 75 -23.34 20.85 16.71
CA ASP A 75 -23.78 22.07 16.04
C ASP A 75 -22.73 23.18 16.01
N SER A 76 -22.04 23.42 17.12
CA SER A 76 -21.04 24.48 17.14
C SER A 76 -19.78 24.12 16.36
N HIS A 77 -19.68 22.90 15.88
CA HIS A 77 -18.51 22.37 15.18
C HIS A 77 -18.67 22.38 13.67
N LYS A 78 -19.86 22.72 13.18
CA LYS A 78 -20.16 22.54 11.76
C LYS A 78 -19.33 23.44 10.87
N LEU A 79 -18.92 24.61 11.38
CA LEU A 79 -18.02 25.48 10.62
C LEU A 79 -16.68 24.78 10.39
N GLY A 80 -16.08 24.25 11.46
CA GLY A 80 -14.83 23.54 11.32
C GLY A 80 -14.93 22.31 10.44
N SER A 81 -16.09 21.65 10.39
CA SER A 81 -16.21 20.57 9.43
C SER A 81 -16.07 21.11 8.03
N LEU A 82 -16.71 22.24 7.76
CA LEU A 82 -16.56 22.92 6.47
C LEU A 82 -15.18 23.56 6.28
N TYR A 83 -14.46 23.87 7.36
CA TYR A 83 -13.07 24.27 7.21
C TYR A 83 -12.20 23.12 6.74
N ILE A 84 -12.44 21.92 7.27
CA ILE A 84 -11.66 20.75 6.86
C ILE A 84 -11.92 20.46 5.39
N ILE A 85 -13.18 20.54 4.96
CA ILE A 85 -13.50 20.38 3.55
C ILE A 85 -12.84 21.47 2.72
N ASP A 86 -12.86 22.71 3.21
CA ASP A 86 -12.21 23.77 2.45
C ASP A 86 -10.73 23.50 2.30
N SER A 87 -10.09 23.00 3.37
CA SER A 87 -8.64 22.82 3.35
C SER A 87 -8.21 21.72 2.40
N ILE A 88 -8.85 20.55 2.50
CA ILE A 88 -8.56 19.43 1.61
C ILE A 88 -9.10 19.70 0.22
N GLY A 89 -10.30 20.28 0.16
CA GLY A 89 -10.88 20.59 -1.13
C GLY A 89 -10.03 21.54 -1.93
N ARG A 90 -9.50 22.59 -1.29
CA ARG A 90 -8.71 23.54 -2.07
C ARG A 90 -7.29 23.08 -2.32
N ALA A 91 -6.76 22.12 -1.56
CA ALA A 91 -5.48 21.56 -1.94
C ALA A 91 -5.64 20.54 -3.06
N TYR A 92 -6.69 19.74 -3.03
CA TYR A 92 -6.93 18.87 -4.17
C TYR A 92 -7.20 19.71 -5.41
N LEU A 93 -7.89 20.84 -5.24
CA LEU A 93 -8.20 21.69 -6.36
C LEU A 93 -6.94 22.32 -6.94
N ASP A 94 -5.97 22.66 -6.07
CA ASP A 94 -4.68 23.17 -6.53
C ASP A 94 -3.84 22.11 -7.22
N GLU A 95 -4.13 20.83 -7.04
CA GLU A 95 -3.40 19.81 -7.78
C GLU A 95 -3.95 19.67 -9.20
N THR A 96 -5.28 19.70 -9.39
CA THR A 96 -5.82 19.46 -10.72
C THR A 96 -5.46 20.58 -11.69
N ARG A 97 -5.14 21.74 -11.18
CA ARG A 97 -4.76 22.86 -12.03
C ARG A 97 -3.26 22.85 -12.30
N SER A 98 -2.47 22.29 -11.39
CA SER A 98 -1.07 22.03 -11.67
C SER A 98 -0.86 20.80 -12.52
N ASN A 99 -1.84 19.89 -12.55
CA ASN A 99 -1.69 18.63 -13.26
C ASN A 99 -2.66 18.42 -14.41
N SER A 100 -3.66 19.30 -14.57
CA SER A 100 -4.53 19.28 -15.74
C SER A 100 -5.25 17.95 -15.89
N ASN A 101 -5.90 17.52 -14.83
CA ASN A 101 -6.66 16.28 -14.82
C ASN A 101 -8.10 16.64 -14.46
N SER A 102 -9.05 15.95 -15.09
CA SER A 102 -10.48 16.11 -14.78
C SER A 102 -11.16 14.74 -14.78
N SER A 103 -10.49 13.84 -14.10
CA SER A 103 -10.86 12.48 -13.99
C SER A 103 -12.02 12.29 -13.12
N SER A 104 -12.91 13.26 -13.09
CA SER A 104 -14.10 13.21 -12.27
C SER A 104 -14.76 11.83 -12.18
N ASN A 105 -14.38 10.98 -13.10
CA ASN A 105 -14.92 9.65 -13.13
C ASN A 105 -14.01 8.57 -12.56
N LYS A 106 -12.76 8.86 -12.22
CA LYS A 106 -11.84 7.82 -11.82
C LYS A 106 -11.52 7.72 -10.39
N PRO A 107 -11.87 6.66 -9.70
CA PRO A 107 -11.49 6.77 -8.30
C PRO A 107 -9.99 6.92 -8.11
N GLY A 108 -9.62 7.36 -6.91
CA GLY A 108 -8.23 7.57 -6.56
C GLY A 108 -7.62 8.82 -7.16
N THR A 109 -8.45 9.80 -7.54
CA THR A 109 -7.98 11.03 -8.15
C THR A 109 -8.52 12.24 -7.41
N CYS A 110 -7.79 13.35 -7.52
CA CYS A 110 -8.26 14.59 -6.91
C CYS A 110 -9.53 15.08 -7.61
N ALA A 111 -9.60 14.89 -8.92
CA ALA A 111 -10.81 15.31 -9.62
C ALA A 111 -12.02 14.60 -9.06
N HIS A 112 -11.92 13.28 -8.82
CA HIS A 112 -13.04 12.52 -8.27
C HIS A 112 -13.47 13.03 -6.90
N ALA A 113 -12.50 13.29 -6.03
CA ALA A 113 -12.81 13.73 -4.66
C ALA A 113 -13.62 15.00 -4.64
N ILE A 114 -13.20 16.00 -5.41
CA ILE A 114 -13.95 17.25 -5.48
C ILE A 114 -15.32 16.99 -6.08
N ASN A 115 -15.38 16.15 -7.10
CA ASN A 115 -16.69 15.81 -7.63
C ASN A 115 -17.56 15.17 -6.55
N THR A 116 -16.97 14.30 -5.73
CA THR A 116 -17.72 13.71 -4.61
C THR A 116 -18.14 14.76 -3.59
N LEU A 117 -17.25 15.65 -3.17
CA LEU A 117 -17.68 16.66 -2.22
C LEU A 117 -18.78 17.55 -2.80
N GLY A 118 -18.72 17.82 -4.12
CA GLY A 118 -19.70 18.70 -4.72
C GLY A 118 -21.11 18.16 -4.73
N GLU A 119 -21.26 16.85 -4.98
CA GLU A 119 -22.58 16.24 -5.05
C GLU A 119 -23.35 16.33 -3.72
N VAL A 120 -22.65 16.59 -2.61
CA VAL A 120 -23.25 16.64 -1.28
C VAL A 120 -23.07 18.00 -0.59
N ILE A 121 -22.46 18.99 -1.25
CA ILE A 121 -22.11 20.21 -0.53
C ILE A 121 -23.33 21.03 -0.15
N GLN A 122 -24.37 21.03 -0.97
CA GLN A 122 -25.55 21.80 -0.59
C GLN A 122 -26.19 21.24 0.68
N GLU A 123 -26.42 19.92 0.72
CA GLU A 123 -27.00 19.33 1.93
C GLU A 123 -26.14 19.64 3.13
N LEU A 124 -24.82 19.67 2.94
CA LEU A 124 -23.94 20.01 4.06
C LEU A 124 -24.08 21.48 4.45
N LEU A 125 -24.22 22.36 3.47
CA LEU A 125 -24.32 23.79 3.73
C LEU A 125 -25.67 24.16 4.34
N SER A 126 -26.77 23.67 3.79
CA SER A 126 -28.06 23.95 4.41
C SER A 126 -28.02 23.57 5.89
N ASP A 127 -27.47 22.38 6.21
CA ASP A 127 -27.42 21.90 7.59
C ASP A 127 -26.45 22.72 8.46
N ALA A 128 -25.30 23.10 7.90
CA ALA A 128 -24.31 23.85 8.67
C ALA A 128 -24.77 25.26 8.97
N ILE A 129 -25.38 25.92 7.98
CA ILE A 129 -25.89 27.26 8.22
C ILE A 129 -27.07 27.19 9.17
N ALA A 130 -27.87 26.14 9.06
CA ALA A 130 -29.08 26.01 9.86
C ALA A 130 -28.77 25.89 11.33
N LYS A 131 -27.74 25.11 11.68
CA LYS A 131 -27.42 24.76 13.06
C LYS A 131 -26.31 25.61 13.65
N SER A 132 -25.90 26.66 12.96
CA SER A 132 -24.89 27.55 13.52
C SER A 132 -25.59 28.75 14.14
N ASN A 133 -24.85 29.44 15.00
CA ASN A 133 -25.30 30.72 15.54
C ASN A 133 -24.84 31.84 14.61
N GLN A 134 -25.31 33.06 14.90
CA GLN A 134 -25.03 34.20 14.01
C GLN A 134 -23.54 34.36 13.72
N ASP A 135 -22.68 34.23 14.73
CA ASP A 135 -21.25 34.32 14.48
C ASP A 135 -20.82 33.33 13.41
N HIS A 136 -21.09 32.04 13.64
CA HIS A 136 -20.67 31.00 12.70
C HIS A 136 -21.41 31.08 11.38
N LYS A 137 -22.66 31.54 11.38
CA LYS A 137 -23.36 31.77 10.11
C LYS A 137 -22.60 32.78 9.26
N GLU A 138 -22.02 33.79 9.90
CA GLU A 138 -21.22 34.76 9.14
C GLU A 138 -20.03 34.10 8.48
N LYS A 139 -19.26 33.31 9.25
CA LYS A 139 -18.05 32.71 8.73
C LYS A 139 -18.33 31.72 7.61
N ILE A 140 -19.53 31.17 7.59
CA ILE A 140 -19.92 30.31 6.48
C ILE A 140 -20.11 31.13 5.23
N ARG A 141 -20.60 32.37 5.37
CA ARG A 141 -20.70 33.31 4.26
C ARG A 141 -19.33 33.63 3.67
N MET A 142 -18.34 33.86 4.53
CA MET A 142 -16.97 34.05 4.08
C MET A 142 -16.51 32.85 3.28
N LEU A 143 -16.86 31.64 3.73
CA LEU A 143 -16.48 30.45 3.01
C LEU A 143 -17.14 30.40 1.64
N LEU A 144 -18.45 30.70 1.57
CA LEU A 144 -19.11 30.76 0.27
C LEU A 144 -18.43 31.72 -0.69
N ASP A 145 -17.80 32.80 -0.19
CA ASP A 145 -17.15 33.76 -1.08
C ASP A 145 -15.89 33.15 -1.69
N ILE A 146 -15.00 32.62 -0.85
CA ILE A 146 -13.78 32.00 -1.34
C ILE A 146 -14.10 30.89 -2.33
N TRP A 147 -15.05 30.00 -2.00
CA TRP A 147 -15.35 28.93 -2.96
C TRP A 147 -15.91 29.49 -4.24
N ASP A 148 -16.69 30.58 -4.15
CA ASP A 148 -17.23 31.19 -5.35
C ASP A 148 -16.12 31.73 -6.23
N ARG A 149 -15.05 32.18 -5.61
CA ARG A 149 -13.96 32.81 -6.32
C ARG A 149 -12.89 31.80 -6.75
N SER A 150 -12.71 30.75 -5.97
CA SER A 150 -11.74 29.70 -6.26
C SER A 150 -12.20 28.77 -7.35
N GLY A 151 -13.50 28.65 -7.54
CA GLY A 151 -14.03 27.62 -8.41
C GLY A 151 -14.10 26.23 -7.80
N LEU A 152 -13.98 26.10 -6.48
CA LEU A 152 -13.96 24.76 -5.86
C LEU A 152 -15.23 23.98 -6.18
N PHE A 153 -16.40 24.58 -5.98
CA PHE A 153 -17.67 23.91 -6.25
C PHE A 153 -18.46 24.66 -7.31
N GLN A 154 -19.39 23.96 -7.97
CA GLN A 154 -20.16 24.59 -9.04
C GLN A 154 -20.91 25.79 -8.51
N LYS A 155 -20.77 26.90 -9.23
CA LYS A 155 -21.31 28.16 -8.74
C LYS A 155 -22.82 28.10 -8.57
N SER A 156 -23.50 27.33 -9.42
CA SER A 156 -24.95 27.18 -9.31
C SER A 156 -25.34 26.58 -7.96
N TYR A 157 -24.53 25.64 -7.45
CA TYR A 157 -24.83 25.03 -6.16
C TYR A 157 -24.71 26.08 -5.06
N LEU A 158 -23.60 26.81 -5.04
CA LEU A 158 -23.44 27.87 -4.04
C LEU A 158 -24.53 28.95 -4.15
N ASN A 159 -24.95 29.29 -5.38
CA ASN A 159 -26.00 30.30 -5.55
C ASN A 159 -27.32 29.86 -4.93
N ALA A 160 -27.70 28.61 -5.13
CA ALA A 160 -28.91 28.14 -4.46
C ALA A 160 -28.79 28.36 -2.97
N ILE A 161 -27.61 28.12 -2.43
CA ILE A 161 -27.39 28.32 -1.01
C ILE A 161 -27.45 29.79 -0.66
N ARG A 162 -26.71 30.62 -1.38
CA ARG A 162 -26.71 32.05 -1.08
C ARG A 162 -28.09 32.66 -1.24
N SER A 163 -28.86 32.21 -2.24
CA SER A 163 -30.17 32.80 -2.48
C SER A 163 -31.17 32.49 -1.38
N LYS A 164 -30.96 31.45 -0.58
CA LYS A 164 -31.92 31.10 0.45
C LYS A 164 -31.47 31.47 1.86
N CYS A 165 -30.16 31.60 2.09
CA CYS A 165 -29.62 31.90 3.41
C CYS A 165 -28.89 33.24 3.56
N PHE A 166 -28.32 33.81 2.49
CA PHE A 166 -27.40 34.97 2.58
C PHE A 166 -27.80 36.08 1.62
N ALA A 167 -28.89 36.78 1.90
CA ALA A 167 -29.42 37.70 0.92
C ALA A 167 -30.59 38.51 1.45
N MET B 21 8.30 -20.04 -21.54
CA MET B 21 8.46 -19.39 -20.24
C MET B 21 7.16 -19.35 -19.46
N ASP B 22 7.23 -19.80 -18.20
CA ASP B 22 6.12 -19.79 -17.24
C ASP B 22 6.51 -19.00 -16.00
N PHE B 23 5.56 -18.90 -15.06
CA PHE B 23 5.73 -18.04 -13.88
C PHE B 23 6.93 -18.42 -13.02
N GLN B 24 7.27 -19.72 -12.96
CA GLN B 24 8.41 -20.12 -12.15
C GLN B 24 9.72 -19.59 -12.73
N ASN B 25 9.77 -19.40 -14.03
CA ASN B 25 10.93 -18.79 -14.64
C ASN B 25 10.90 -17.28 -14.46
N PHE B 26 9.74 -16.71 -14.18
CA PHE B 26 9.69 -15.30 -13.80
C PHE B 26 10.34 -15.12 -12.43
N VAL B 27 9.96 -15.95 -11.46
CA VAL B 27 10.51 -15.87 -10.10
C VAL B 27 12.01 -16.15 -10.12
N ALA B 28 12.42 -17.22 -10.80
CA ALA B 28 13.84 -17.53 -10.82
C ALA B 28 14.62 -16.34 -11.39
N THR B 29 14.16 -15.81 -12.53
CA THR B 29 14.77 -14.61 -13.11
C THR B 29 14.75 -13.45 -12.14
N LEU B 30 13.60 -13.21 -11.50
CA LEU B 30 13.57 -12.10 -10.55
C LEU B 30 14.47 -12.39 -9.37
N GLU B 31 14.57 -13.67 -8.96
CA GLU B 31 15.50 -14.02 -7.89
C GLU B 31 16.94 -13.85 -8.31
N SER B 32 17.23 -13.94 -9.61
CA SER B 32 18.64 -13.90 -10.01
C SER B 32 19.24 -12.52 -9.95
N PHE B 33 18.43 -11.48 -9.73
CA PHE B 33 18.97 -10.13 -9.65
C PHE B 33 19.86 -9.94 -8.42
N LYS B 34 19.86 -10.87 -7.47
CA LYS B 34 20.70 -10.74 -6.28
C LYS B 34 22.17 -11.03 -6.58
N ASP B 35 22.45 -11.72 -7.68
CA ASP B 35 23.82 -12.03 -8.08
C ASP B 35 24.43 -10.92 -8.92
N LEU B 36 23.70 -9.84 -9.14
CA LEU B 36 24.17 -8.73 -9.93
C LEU B 36 24.62 -7.62 -9.00
N LYS B 37 25.88 -7.21 -9.13
CA LYS B 37 26.40 -6.15 -8.31
C LYS B 37 25.54 -4.90 -8.44
N SER B 38 25.20 -4.52 -9.67
CA SER B 38 24.41 -3.31 -9.86
C SER B 38 22.97 -3.50 -9.40
N GLY B 39 22.41 -4.68 -9.58
CA GLY B 39 20.98 -4.86 -9.47
C GLY B 39 20.24 -4.49 -10.73
N ILE B 40 20.96 -4.37 -11.85
CA ILE B 40 20.40 -3.89 -13.11
C ILE B 40 20.77 -4.84 -14.24
N SER B 41 19.78 -5.24 -15.04
CA SER B 41 20.01 -6.02 -16.24
C SER B 41 18.89 -5.73 -17.23
N GLY B 42 19.21 -5.01 -18.30
CA GLY B 42 18.18 -4.64 -19.25
C GLY B 42 17.60 -5.81 -20.00
N SER B 43 18.43 -6.81 -20.30
CA SER B 43 17.93 -7.96 -21.06
C SER B 43 16.87 -8.69 -20.27
N ARG B 44 17.10 -8.88 -18.97
CA ARG B 44 16.19 -9.62 -18.11
C ARG B 44 14.89 -8.85 -17.84
N ILE B 45 14.99 -7.53 -17.74
CA ILE B 45 13.80 -6.70 -17.63
C ILE B 45 12.97 -6.81 -18.91
N LYS B 46 13.63 -7.01 -20.05
CA LYS B 46 12.88 -7.23 -21.28
C LYS B 46 12.23 -8.60 -21.27
N LYS B 47 12.85 -9.57 -20.57
CA LYS B 47 12.24 -10.89 -20.40
C LYS B 47 11.06 -10.82 -19.45
N LEU B 48 11.24 -10.13 -18.32
CA LEU B 48 10.12 -9.95 -17.41
C LEU B 48 8.95 -9.31 -18.13
N THR B 49 9.22 -8.24 -18.87
CA THR B 49 8.17 -7.53 -19.58
C THR B 49 7.52 -8.43 -20.62
N THR B 50 8.32 -9.10 -21.45
CA THR B 50 7.74 -9.99 -22.45
C THR B 50 6.84 -11.03 -21.81
N TYR B 51 7.27 -11.59 -20.66
CA TYR B 51 6.42 -12.53 -19.92
C TYR B 51 5.19 -11.85 -19.36
N ALA B 52 5.37 -10.66 -18.78
CA ALA B 52 4.26 -9.90 -18.25
C ALA B 52 3.26 -9.49 -19.34
N LEU B 53 3.75 -9.25 -20.57
CA LEU B 53 2.84 -8.89 -21.65
C LEU B 53 2.09 -10.09 -22.23
N ASP B 54 2.62 -11.30 -22.10
CA ASP B 54 1.96 -12.47 -22.62
C ASP B 54 1.09 -13.17 -21.59
N HIS B 55 1.14 -12.72 -20.34
CA HIS B 55 0.37 -13.33 -19.26
C HIS B 55 -0.26 -12.24 -18.43
N ILE B 56 -0.86 -11.28 -19.12
CA ILE B 56 -1.62 -10.25 -18.44
C ILE B 56 -2.79 -10.85 -17.68
N ASP B 57 -3.29 -12.00 -18.12
CA ASP B 57 -4.42 -12.62 -17.43
C ASP B 57 -4.09 -12.88 -15.96
N ILE B 58 -2.83 -13.21 -15.67
CA ILE B 58 -2.39 -13.40 -14.29
C ILE B 58 -1.38 -12.34 -13.91
N GLU B 59 -1.75 -11.09 -14.15
CA GLU B 59 -0.89 -9.98 -13.77
C GLU B 59 -0.89 -9.73 -12.28
N SER B 60 -1.91 -10.20 -11.56
CA SER B 60 -2.09 -9.77 -10.18
C SER B 60 -0.92 -10.19 -9.31
N LYS B 61 -0.42 -11.42 -9.49
CA LYS B 61 0.72 -11.90 -8.72
C LYS B 61 2.04 -11.47 -9.34
N ILE B 62 2.08 -11.38 -10.67
CA ILE B 62 3.21 -10.72 -11.32
C ILE B 62 3.41 -9.34 -10.73
N ILE B 63 2.31 -8.60 -10.54
CA ILE B 63 2.38 -7.27 -9.96
C ILE B 63 2.75 -7.34 -8.49
N SER B 64 2.08 -8.20 -7.72
CA SER B 64 2.37 -8.26 -6.30
C SER B 64 3.80 -8.72 -6.07
N LEU B 65 4.31 -9.60 -6.93
CA LEU B 65 5.69 -10.06 -6.82
C LEU B 65 6.68 -8.91 -6.94
N ILE B 66 6.62 -8.17 -8.04
CA ILE B 66 7.63 -7.14 -8.23
C ILE B 66 7.43 -6.01 -7.22
N ILE B 67 6.21 -5.85 -6.71
CA ILE B 67 5.99 -4.86 -5.66
C ILE B 67 6.75 -5.26 -4.41
N ASP B 68 6.61 -6.52 -4.00
CA ASP B 68 7.32 -6.98 -2.81
C ASP B 68 8.81 -7.04 -3.08
N TYR B 69 9.21 -7.30 -4.32
CA TYR B 69 10.63 -7.31 -4.59
C TYR B 69 11.25 -5.98 -4.23
N SER B 70 10.58 -4.88 -4.57
CA SER B 70 11.08 -3.56 -4.23
C SER B 70 11.18 -3.41 -2.72
N ARG B 71 10.22 -4.01 -1.98
CA ARG B 71 10.23 -3.95 -0.52
C ARG B 71 11.46 -4.65 0.08
N LEU B 72 11.90 -5.76 -0.51
CA LEU B 72 12.87 -6.62 0.18
C LEU B 72 14.26 -6.69 -0.43
N CYS B 73 14.49 -6.11 -1.61
CA CYS B 73 15.79 -6.23 -2.22
C CYS B 73 16.81 -5.48 -1.36
N PRO B 74 18.10 -5.70 -1.56
CA PRO B 74 19.11 -4.90 -0.86
C PRO B 74 18.94 -3.43 -1.19
N ASP B 75 19.64 -2.59 -0.43
CA ASP B 75 19.45 -1.14 -0.58
C ASP B 75 19.94 -0.64 -1.94
N SER B 76 21.09 -1.12 -2.43
CA SER B 76 21.61 -0.67 -3.72
C SER B 76 20.82 -1.20 -4.91
N HIS B 77 19.84 -2.08 -4.70
CA HIS B 77 19.09 -2.70 -5.78
C HIS B 77 17.75 -2.04 -6.01
N LYS B 78 17.36 -1.08 -5.17
CA LYS B 78 16.01 -0.52 -5.21
C LYS B 78 15.79 0.23 -6.51
N LEU B 79 16.86 0.74 -7.12
CA LEU B 79 16.78 1.43 -8.40
C LEU B 79 16.30 0.49 -9.51
N GLY B 80 16.95 -0.67 -9.62
CA GLY B 80 16.52 -1.68 -10.59
C GLY B 80 15.12 -2.21 -10.32
N SER B 81 14.66 -2.19 -9.08
CA SER B 81 13.27 -2.54 -8.84
C SER B 81 12.36 -1.55 -9.56
N LEU B 82 12.68 -0.26 -9.43
CA LEU B 82 11.92 0.80 -10.07
C LEU B 82 12.09 0.80 -11.58
N TYR B 83 13.21 0.27 -12.09
CA TYR B 83 13.34 0.06 -13.53
C TYR B 83 12.39 -1.03 -14.01
N ILE B 84 12.24 -2.08 -13.19
CA ILE B 84 11.33 -3.19 -13.47
C ILE B 84 9.87 -2.73 -13.45
N ILE B 85 9.50 -1.99 -12.42
CA ILE B 85 8.15 -1.44 -12.40
C ILE B 85 7.94 -0.56 -13.61
N ASP B 86 8.91 0.32 -13.88
CA ASP B 86 8.80 1.23 -15.02
C ASP B 86 8.66 0.46 -16.33
N SER B 87 9.41 -0.62 -16.49
CA SER B 87 9.36 -1.36 -17.75
C SER B 87 8.05 -2.09 -17.91
N ILE B 88 7.62 -2.81 -16.88
CA ILE B 88 6.37 -3.57 -16.96
C ILE B 88 5.16 -2.64 -16.91
N GLY B 89 5.18 -1.65 -16.01
CA GLY B 89 4.06 -0.73 -15.90
C GLY B 89 3.81 0.05 -17.17
N ARG B 90 4.87 0.46 -17.85
CA ARG B 90 4.75 1.21 -19.09
C ARG B 90 4.52 0.33 -20.31
N ALA B 91 4.72 -0.98 -20.23
CA ALA B 91 4.31 -1.80 -21.35
C ALA B 91 2.81 -2.03 -21.32
N TYR B 92 2.27 -2.26 -20.12
CA TYR B 92 0.84 -2.43 -19.94
C TYR B 92 0.08 -1.15 -20.30
N LEU B 93 0.69 0.01 -20.06
CA LEU B 93 0.03 1.28 -20.35
C LEU B 93 -0.19 1.50 -21.84
N ASP B 94 0.75 1.06 -22.68
CA ASP B 94 0.57 1.19 -24.12
C ASP B 94 -0.48 0.21 -24.67
N GLU B 95 -0.82 -0.83 -23.90
CA GLU B 95 -1.89 -1.74 -24.29
C GLU B 95 -3.25 -1.09 -24.09
N THR B 96 -3.44 -0.39 -22.97
CA THR B 96 -4.71 0.26 -22.65
C THR B 96 -5.05 1.40 -23.62
N ARG B 97 -4.10 1.82 -24.45
CA ARG B 97 -4.33 2.81 -25.48
C ARG B 97 -4.58 2.18 -26.85
N LYS B 106 -11.42 -5.22 -11.63
CA LYS B 106 -11.15 -5.64 -13.00
C LYS B 106 -9.95 -6.59 -13.13
N PRO B 107 -9.87 -7.64 -12.31
CA PRO B 107 -8.65 -8.43 -12.26
C PRO B 107 -8.33 -9.05 -13.62
N GLY B 108 -7.06 -9.38 -13.80
CA GLY B 108 -6.61 -9.98 -15.04
C GLY B 108 -6.57 -9.03 -16.22
N THR B 109 -6.55 -7.73 -15.97
CA THR B 109 -6.58 -6.72 -17.02
C THR B 109 -5.43 -5.74 -16.82
N CYS B 110 -5.00 -5.11 -17.92
CA CYS B 110 -3.89 -4.17 -17.85
C CYS B 110 -4.22 -2.96 -17.00
N ALA B 111 -5.46 -2.45 -17.11
CA ALA B 111 -5.85 -1.30 -16.32
C ALA B 111 -5.72 -1.61 -14.82
N HIS B 112 -6.20 -2.79 -14.40
CA HIS B 112 -6.10 -3.21 -13.01
C HIS B 112 -4.64 -3.24 -12.58
N ALA B 113 -3.76 -3.75 -13.45
CA ALA B 113 -2.34 -3.87 -13.14
C ALA B 113 -1.70 -2.50 -12.89
N ILE B 114 -1.96 -1.54 -13.78
CA ILE B 114 -1.41 -0.20 -13.60
C ILE B 114 -1.99 0.46 -12.36
N ASN B 115 -3.31 0.34 -12.18
CA ASN B 115 -3.91 0.89 -10.98
C ASN B 115 -3.32 0.26 -9.73
N THR B 116 -3.13 -1.07 -9.75
CA THR B 116 -2.57 -1.77 -8.60
C THR B 116 -1.20 -1.21 -8.23
N LEU B 117 -0.34 -1.01 -9.24
CA LEU B 117 0.95 -0.35 -8.99
C LEU B 117 0.76 1.08 -8.52
N GLY B 118 -0.28 1.75 -9.01
CA GLY B 118 -0.46 3.15 -8.66
C GLY B 118 -0.78 3.37 -7.20
N GLU B 119 -1.60 2.50 -6.61
CA GLU B 119 -1.95 2.63 -5.20
C GLU B 119 -0.73 2.45 -4.29
N VAL B 120 0.36 1.88 -4.79
CA VAL B 120 1.53 1.55 -3.97
C VAL B 120 2.80 2.25 -4.43
N ILE B 121 2.79 2.97 -5.55
CA ILE B 121 4.03 3.54 -6.07
C ILE B 121 4.61 4.55 -5.09
N GLN B 122 3.75 5.20 -4.32
CA GLN B 122 4.22 6.18 -3.34
C GLN B 122 5.12 5.53 -2.30
N GLU B 123 4.61 4.49 -1.63
CA GLU B 123 5.34 3.88 -0.53
C GLU B 123 6.69 3.35 -0.99
N LEU B 124 6.73 2.77 -2.20
CA LEU B 124 7.99 2.26 -2.73
C LEU B 124 8.95 3.40 -3.03
N LEU B 125 8.44 4.50 -3.60
CA LEU B 125 9.28 5.62 -3.98
C LEU B 125 9.84 6.32 -2.76
N SER B 126 9.00 6.54 -1.75
CA SER B 126 9.49 7.10 -0.50
C SER B 126 10.63 6.25 0.04
N ASP B 127 10.45 4.92 0.01
CA ASP B 127 11.44 3.98 0.54
C ASP B 127 12.70 3.87 -0.33
N ALA B 128 12.56 3.86 -1.65
CA ALA B 128 13.74 3.63 -2.48
C ALA B 128 14.73 4.79 -2.39
N ILE B 129 14.20 6.02 -2.41
CA ILE B 129 15.07 7.21 -2.32
C ILE B 129 15.77 7.25 -0.98
N ALA B 130 15.09 6.77 0.07
CA ALA B 130 15.67 6.76 1.41
C ALA B 130 16.88 5.84 1.49
N LYS B 131 16.82 4.66 0.86
CA LYS B 131 17.85 3.64 1.04
C LYS B 131 18.89 3.61 -0.08
N SER B 132 18.88 4.58 -0.99
CA SER B 132 19.85 4.61 -2.08
C SER B 132 20.98 5.57 -1.74
N ASN B 133 22.07 5.50 -2.52
CA ASN B 133 23.08 6.56 -2.47
C ASN B 133 22.71 7.65 -3.47
N GLN B 134 23.45 8.76 -3.44
CA GLN B 134 23.13 9.92 -4.28
C GLN B 134 23.08 9.56 -5.76
N ASP B 135 24.03 8.76 -6.24
CA ASP B 135 24.03 8.39 -7.65
C ASP B 135 22.66 7.83 -8.04
N HIS B 136 22.17 6.87 -7.26
CA HIS B 136 20.88 6.26 -7.56
C HIS B 136 19.71 7.23 -7.34
N LYS B 137 19.80 8.11 -6.32
CA LYS B 137 18.75 9.11 -6.14
C LYS B 137 18.63 10.00 -7.36
N GLU B 138 19.76 10.42 -7.94
CA GLU B 138 19.70 11.21 -9.15
C GLU B 138 19.01 10.43 -10.26
N LYS B 139 19.42 9.17 -10.47
CA LYS B 139 18.79 8.34 -11.49
C LYS B 139 17.30 8.09 -11.15
N ILE B 140 16.94 8.11 -9.86
CA ILE B 140 15.54 8.03 -9.46
C ILE B 140 14.82 9.35 -9.73
N ARG B 141 15.51 10.47 -9.53
CA ARG B 141 14.94 11.74 -9.93
C ARG B 141 14.63 11.73 -11.41
N MET B 142 15.52 11.12 -12.21
CA MET B 142 15.27 10.97 -13.63
C MET B 142 13.97 10.20 -13.87
N LEU B 143 13.74 9.15 -13.07
CA LEU B 143 12.50 8.40 -13.20
C LEU B 143 11.28 9.24 -12.90
N LEU B 144 11.33 10.04 -11.83
CA LEU B 144 10.19 10.89 -11.48
C LEU B 144 9.76 11.73 -12.66
N ASP B 145 10.73 12.09 -13.53
CA ASP B 145 10.45 12.92 -14.69
C ASP B 145 9.78 12.11 -15.80
N ILE B 146 10.38 10.98 -16.18
CA ILE B 146 9.83 10.15 -17.26
C ILE B 146 8.37 9.80 -16.99
N TRP B 147 8.07 9.36 -15.76
CA TRP B 147 6.70 9.01 -15.43
C TRP B 147 5.81 10.24 -15.50
N ASP B 148 6.35 11.39 -15.12
CA ASP B 148 5.55 12.60 -15.12
C ASP B 148 5.07 12.94 -16.53
N ARG B 149 5.85 12.63 -17.56
CA ARG B 149 5.47 12.96 -18.92
C ARG B 149 4.78 11.82 -19.67
N SER B 150 5.04 10.55 -19.31
CA SER B 150 4.30 9.46 -19.92
C SER B 150 2.90 9.34 -19.35
N GLY B 151 2.68 9.86 -18.14
CA GLY B 151 1.40 9.78 -17.47
C GLY B 151 1.08 8.45 -16.83
N LEU B 152 2.05 7.54 -16.72
CA LEU B 152 1.78 6.21 -16.18
C LEU B 152 1.17 6.31 -14.79
N PHE B 153 1.71 7.17 -13.94
CA PHE B 153 1.18 7.32 -12.59
C PHE B 153 0.60 8.70 -12.43
N GLN B 154 -0.34 8.81 -11.49
CA GLN B 154 -1.04 10.06 -11.27
C GLN B 154 -0.02 11.14 -10.92
N LYS B 155 -0.14 12.29 -11.59
CA LYS B 155 0.85 13.34 -11.39
C LYS B 155 0.81 13.88 -9.96
N SER B 156 -0.39 13.93 -9.37
CA SER B 156 -0.52 14.40 -8.00
C SER B 156 0.30 13.57 -7.04
N TYR B 157 0.38 12.25 -7.29
CA TYR B 157 1.17 11.35 -6.46
C TYR B 157 2.66 11.64 -6.57
N LEU B 158 3.17 11.74 -7.81
CA LEU B 158 4.60 12.03 -8.03
C LEU B 158 4.99 13.34 -7.40
N ASN B 159 4.08 14.32 -7.40
CA ASN B 159 4.39 15.60 -6.79
C ASN B 159 4.65 15.41 -5.30
N ALA B 160 3.80 14.60 -4.65
CA ALA B 160 3.96 14.33 -3.24
C ALA B 160 5.33 13.73 -2.93
N ILE B 161 5.79 12.80 -3.76
CA ILE B 161 7.10 12.20 -3.50
C ILE B 161 8.21 13.20 -3.78
N ARG B 162 8.18 13.82 -4.97
CA ARG B 162 9.21 14.79 -5.33
C ARG B 162 9.24 15.98 -4.37
N SER B 163 8.08 16.41 -3.89
CA SER B 163 8.04 17.56 -3.00
C SER B 163 8.69 17.25 -1.65
N LYS B 164 8.81 15.98 -1.30
CA LYS B 164 9.38 15.56 -0.01
C LYS B 164 10.82 15.06 -0.12
N CYS B 165 11.28 14.68 -1.31
CA CYS B 165 12.67 14.26 -1.47
C CYS B 165 13.49 15.24 -2.31
N MET C 21 0.88 -0.31 16.05
CA MET C 21 1.57 -1.03 14.98
C MET C 21 0.64 -1.22 13.78
N ASP C 22 1.11 -0.81 12.59
CA ASP C 22 0.36 -0.95 11.35
C ASP C 22 1.19 -1.71 10.33
N PHE C 23 0.62 -1.87 9.13
CA PHE C 23 1.28 -2.67 8.11
C PHE C 23 2.65 -2.13 7.75
N GLN C 24 2.83 -0.81 7.82
CA GLN C 24 4.15 -0.26 7.54
C GLN C 24 5.14 -0.63 8.64
N ASN C 25 4.66 -0.80 9.87
CA ASN C 25 5.52 -1.28 10.95
C ASN C 25 5.66 -2.80 10.91
N PHE C 26 4.72 -3.51 10.28
CA PHE C 26 4.94 -4.93 10.03
C PHE C 26 6.02 -5.15 9.00
N VAL C 27 5.96 -4.40 7.89
CA VAL C 27 6.93 -4.58 6.80
C VAL C 27 8.35 -4.36 7.31
N ALA C 28 8.55 -3.28 8.07
CA ALA C 28 9.88 -2.98 8.58
C ALA C 28 10.44 -4.12 9.42
N THR C 29 9.65 -4.67 10.35
CA THR C 29 10.13 -5.81 11.14
C THR C 29 10.55 -6.97 10.23
N LEU C 30 9.74 -7.30 9.23
CA LEU C 30 10.11 -8.34 8.28
C LEU C 30 11.33 -7.96 7.45
N GLU C 31 11.48 -6.68 7.10
CA GLU C 31 12.66 -6.25 6.34
C GLU C 31 13.95 -6.35 7.14
N SER C 32 13.86 -6.13 8.46
CA SER C 32 15.04 -6.07 9.30
C SER C 32 15.63 -7.44 9.57
N PHE C 33 15.00 -8.51 9.09
CA PHE C 33 15.59 -9.83 9.32
C PHE C 33 16.91 -10.01 8.58
N LYS C 34 17.24 -9.13 7.64
CA LYS C 34 18.55 -9.21 6.99
C LYS C 34 19.64 -8.68 7.90
N ASP C 35 19.27 -7.97 8.97
CA ASP C 35 20.21 -7.49 9.98
C ASP C 35 20.51 -8.53 11.05
N LEU C 36 19.93 -9.72 10.94
CA LEU C 36 20.18 -10.82 11.86
C LEU C 36 21.10 -11.84 11.18
N LYS C 37 22.23 -12.16 11.81
CA LYS C 37 23.19 -13.09 11.21
C LYS C 37 22.51 -14.40 10.84
N SER C 38 21.78 -14.96 11.80
CA SER C 38 21.07 -16.22 11.61
C SER C 38 19.84 -16.05 10.75
N GLY C 39 19.19 -14.89 10.81
CA GLY C 39 17.87 -14.76 10.25
C GLY C 39 16.80 -15.22 11.19
N ILE C 40 17.12 -15.35 12.47
CA ILE C 40 16.20 -15.91 13.46
C ILE C 40 16.12 -14.99 14.66
N SER C 41 14.90 -14.64 15.06
CA SER C 41 14.66 -13.86 16.26
C SER C 41 13.27 -14.24 16.77
N GLY C 42 13.22 -15.02 17.84
CA GLY C 42 11.94 -15.50 18.35
C GLY C 42 11.07 -14.38 18.86
N SER C 43 11.68 -13.33 19.40
CA SER C 43 10.93 -12.16 19.82
C SER C 43 10.29 -11.47 18.61
N ARG C 44 11.07 -11.28 17.55
CA ARG C 44 10.56 -10.58 16.37
C ARG C 44 9.58 -11.43 15.59
N ILE C 45 9.81 -12.74 15.54
CA ILE C 45 8.82 -13.61 14.91
C ILE C 45 7.49 -13.50 15.64
N LYS C 46 7.54 -13.35 16.96
CA LYS C 46 6.31 -13.21 17.73
C LYS C 46 5.67 -11.85 17.50
N LYS C 47 6.46 -10.84 17.17
CA LYS C 47 5.91 -9.54 16.79
C LYS C 47 5.15 -9.66 15.47
N LEU C 48 5.77 -10.33 14.50
CA LEU C 48 5.10 -10.60 13.23
C LEU C 48 3.83 -11.40 13.43
N THR C 49 3.88 -12.45 14.27
CA THR C 49 2.72 -13.33 14.47
C THR C 49 1.54 -12.60 15.11
N THR C 50 1.80 -11.86 16.19
CA THR C 50 0.74 -11.11 16.85
C THR C 50 0.11 -10.12 15.90
N TYR C 51 0.92 -9.44 15.08
CA TYR C 51 0.32 -8.53 14.11
C TYR C 51 -0.52 -9.29 13.10
N ALA C 52 -0.02 -10.42 12.61
CA ALA C 52 -0.77 -11.20 11.64
C ALA C 52 -2.08 -11.71 12.22
N LEU C 53 -2.11 -12.01 13.53
CA LEU C 53 -3.35 -12.47 14.15
C LEU C 53 -4.34 -11.35 14.45
N ASP C 54 -3.89 -10.11 14.55
CA ASP C 54 -4.87 -9.04 14.76
C ASP C 54 -5.33 -8.42 13.46
N HIS C 55 -4.74 -8.80 12.33
CA HIS C 55 -5.06 -8.19 11.04
C HIS C 55 -5.27 -9.26 10.00
N ILE C 56 -6.05 -10.27 10.37
CA ILE C 56 -6.46 -11.29 9.42
C ILE C 56 -7.29 -10.69 8.31
N ASP C 57 -7.92 -9.52 8.55
CA ASP C 57 -8.70 -8.85 7.53
C ASP C 57 -7.86 -8.50 6.31
N ILE C 58 -6.55 -8.29 6.49
CA ILE C 58 -5.63 -8.11 5.37
C ILE C 58 -4.64 -9.25 5.36
N GLU C 59 -5.12 -10.48 5.35
CA GLU C 59 -4.17 -11.58 5.32
C GLU C 59 -3.53 -11.75 3.94
N SER C 60 -4.20 -11.34 2.86
CA SER C 60 -3.68 -11.66 1.53
C SER C 60 -2.34 -10.98 1.28
N LYS C 61 -2.19 -9.74 1.74
CA LYS C 61 -0.91 -9.09 1.51
C LYS C 61 0.12 -9.51 2.55
N ILE C 62 -0.30 -9.72 3.80
CA ILE C 62 0.60 -10.33 4.77
C ILE C 62 1.13 -11.67 4.26
N ILE C 63 0.26 -12.47 3.64
CA ILE C 63 0.70 -13.77 3.16
C ILE C 63 1.66 -13.62 2.00
N SER C 64 1.31 -12.77 1.01
CA SER C 64 2.24 -12.61 -0.12
C SER C 64 3.56 -12.02 0.35
N LEU C 65 3.49 -11.13 1.35
CA LEU C 65 4.71 -10.52 1.88
C LEU C 65 5.66 -11.57 2.44
N ILE C 66 5.17 -12.41 3.36
CA ILE C 66 6.05 -13.43 3.91
C ILE C 66 6.38 -14.49 2.86
N ILE C 67 5.53 -14.65 1.84
CA ILE C 67 5.85 -15.55 0.73
C ILE C 67 6.99 -15.00 -0.10
N ASP C 68 6.90 -13.73 -0.47
CA ASP C 68 7.95 -13.16 -1.29
C ASP C 68 9.24 -13.01 -0.50
N TYR C 69 9.15 -12.78 0.80
CA TYR C 69 10.36 -12.70 1.63
C TYR C 69 11.15 -13.99 1.61
N SER C 70 10.45 -15.14 1.62
CA SER C 70 11.16 -16.41 1.54
C SER C 70 11.97 -16.52 0.25
N ARG C 71 11.39 -16.09 -0.87
CA ARG C 71 12.06 -16.15 -2.16
C ARG C 71 13.28 -15.25 -2.24
N LEU C 72 13.28 -14.13 -1.52
CA LEU C 72 14.29 -13.11 -1.72
C LEU C 72 15.29 -13.00 -0.57
N CYS C 73 15.06 -13.68 0.55
CA CYS C 73 15.98 -13.54 1.66
C CYS C 73 17.34 -14.13 1.29
N PRO C 74 18.39 -13.80 2.03
CA PRO C 74 19.69 -14.46 1.80
C PRO C 74 19.61 -15.95 2.07
N ASP C 75 20.66 -16.65 1.64
CA ASP C 75 20.70 -18.11 1.77
C ASP C 75 20.75 -18.52 3.23
N SER C 76 21.58 -17.84 4.02
CA SER C 76 21.68 -18.18 5.44
C SER C 76 20.43 -17.80 6.22
N HIS C 77 19.50 -17.09 5.59
CA HIS C 77 18.28 -16.63 6.24
C HIS C 77 17.04 -17.40 5.86
N LYS C 78 17.16 -18.35 4.93
CA LYS C 78 15.98 -19.05 4.42
C LYS C 78 15.29 -19.89 5.50
N LEU C 79 16.05 -20.34 6.51
CA LEU C 79 15.44 -21.12 7.61
C LEU C 79 14.48 -20.26 8.44
N GLY C 80 14.95 -19.11 8.90
CA GLY C 80 14.05 -18.19 9.59
C GLY C 80 12.94 -17.71 8.69
N SER C 81 13.18 -17.70 7.38
CA SER C 81 12.11 -17.39 6.43
C SER C 81 10.98 -18.41 6.53
N LEU C 82 11.32 -19.71 6.62
CA LEU C 82 10.28 -20.73 6.84
C LEU C 82 9.76 -20.77 8.28
N TYR C 83 10.58 -20.35 9.26
CA TYR C 83 10.10 -20.21 10.63
C TYR C 83 9.02 -19.15 10.72
N ILE C 84 9.13 -18.08 9.93
CA ILE C 84 8.05 -17.10 9.91
C ILE C 84 6.79 -17.74 9.34
N ILE C 85 6.93 -18.42 8.20
CA ILE C 85 5.81 -19.10 7.58
C ILE C 85 5.24 -20.14 8.54
N ASP C 86 6.12 -20.87 9.21
CA ASP C 86 5.66 -21.84 10.20
C ASP C 86 4.93 -21.17 11.34
N SER C 87 5.42 -20.01 11.80
CA SER C 87 4.83 -19.39 12.98
C SER C 87 3.45 -18.85 12.68
N ILE C 88 3.32 -18.09 11.60
CA ILE C 88 2.02 -17.52 11.28
C ILE C 88 1.11 -18.60 10.72
N GLY C 89 1.66 -19.53 9.92
CA GLY C 89 0.85 -20.60 9.38
C GLY C 89 0.19 -21.45 10.44
N ARG C 90 0.93 -21.86 11.48
CA ARG C 90 0.33 -22.69 12.53
C ARG C 90 -0.49 -21.87 13.53
N ALA C 91 -0.38 -20.54 13.51
CA ALA C 91 -1.30 -19.76 14.32
C ALA C 91 -2.64 -19.63 13.60
N TYR C 92 -2.60 -19.46 12.29
CA TYR C 92 -3.83 -19.42 11.53
C TYR C 92 -4.54 -20.75 11.55
N LEU C 93 -3.78 -21.84 11.57
CA LEU C 93 -4.33 -23.18 11.56
C LEU C 93 -5.11 -23.50 12.83
N ASP C 94 -4.67 -22.95 13.97
CA ASP C 94 -5.41 -23.11 15.21
C ASP C 94 -6.69 -22.31 15.22
N GLU C 95 -6.78 -21.27 14.41
CA GLU C 95 -8.03 -20.52 14.36
C GLU C 95 -9.06 -21.30 13.56
N THR C 96 -8.64 -21.97 12.49
CA THR C 96 -9.56 -22.78 11.70
C THR C 96 -10.06 -24.00 12.49
N ARG C 97 -9.34 -24.44 13.53
CA ARG C 97 -9.82 -25.54 14.34
C ARG C 97 -10.50 -25.04 15.62
N SER C 98 -10.45 -23.74 15.88
CA SER C 98 -11.21 -23.12 16.95
C SER C 98 -12.50 -22.49 16.44
N ASN C 99 -12.58 -22.18 15.15
CA ASN C 99 -13.76 -21.56 14.58
C ASN C 99 -14.40 -22.43 13.51
N SER C 100 -13.99 -23.70 13.41
CA SER C 100 -14.55 -24.67 12.48
C SER C 100 -14.78 -24.02 11.11
N ASN C 101 -13.69 -23.51 10.57
CA ASN C 101 -13.69 -22.73 9.35
C ASN C 101 -12.94 -23.51 8.27
N SER C 102 -13.58 -23.65 7.11
CA SER C 102 -12.98 -24.34 5.98
C SER C 102 -13.14 -23.55 4.68
N SER C 103 -13.53 -22.27 4.76
CA SER C 103 -13.73 -21.43 3.59
C SER C 103 -12.37 -20.99 3.03
N SER C 104 -11.65 -21.96 2.48
CA SER C 104 -10.25 -21.75 2.08
C SER C 104 -10.07 -20.87 0.85
N ASN C 105 -11.14 -20.49 0.14
CA ASN C 105 -10.98 -19.65 -1.04
C ASN C 105 -11.43 -18.21 -0.81
N LYS C 106 -11.91 -17.89 0.40
CA LYS C 106 -12.60 -16.66 0.72
C LYS C 106 -11.60 -15.67 1.34
N PRO C 107 -11.13 -14.67 0.61
CA PRO C 107 -10.02 -13.85 1.13
C PRO C 107 -10.39 -13.18 2.44
N GLY C 108 -9.36 -12.79 3.17
CA GLY C 108 -9.53 -12.23 4.51
C GLY C 108 -9.85 -13.23 5.59
N THR C 109 -9.55 -14.53 5.36
CA THR C 109 -9.79 -15.60 6.32
C THR C 109 -8.52 -16.40 6.50
N CYS C 110 -8.44 -17.08 7.65
CA CYS C 110 -7.27 -17.89 7.93
C CYS C 110 -7.16 -19.06 6.97
N ALA C 111 -8.31 -19.65 6.57
CA ALA C 111 -8.25 -20.76 5.62
C ALA C 111 -7.67 -20.33 4.29
N HIS C 112 -8.05 -19.14 3.79
CA HIS C 112 -7.49 -18.65 2.55
C HIS C 112 -5.97 -18.51 2.65
N ALA C 113 -5.51 -17.90 3.75
CA ALA C 113 -4.09 -17.64 3.93
C ALA C 113 -3.28 -18.93 3.86
N ILE C 114 -3.73 -19.96 4.57
CA ILE C 114 -3.02 -21.23 4.56
C ILE C 114 -3.02 -21.84 3.17
N ASN C 115 -4.17 -21.81 2.49
CA ASN C 115 -4.25 -22.36 1.14
C ASN C 115 -3.31 -21.61 0.20
N THR C 116 -3.22 -20.27 0.35
CA THR C 116 -2.26 -19.50 -0.44
C THR C 116 -0.83 -19.98 -0.17
N LEU C 117 -0.47 -20.11 1.11
CA LEU C 117 0.89 -20.54 1.47
C LEU C 117 1.20 -21.91 0.93
N GLY C 118 0.22 -22.82 0.91
CA GLY C 118 0.48 -24.19 0.51
C GLY C 118 0.80 -24.35 -0.96
N GLU C 119 0.10 -23.62 -1.83
CA GLU C 119 0.30 -23.74 -3.28
C GLU C 119 1.69 -23.34 -3.72
N VAL C 120 2.48 -22.69 -2.85
CA VAL C 120 3.82 -22.27 -3.17
C VAL C 120 4.86 -22.89 -2.27
N ILE C 121 4.43 -23.69 -1.27
CA ILE C 121 5.35 -24.22 -0.26
C ILE C 121 6.31 -25.25 -0.87
N GLN C 122 5.88 -25.96 -1.91
CA GLN C 122 6.78 -26.87 -2.59
C GLN C 122 7.98 -26.12 -3.16
N GLU C 123 7.70 -25.10 -3.98
CA GLU C 123 8.79 -24.31 -4.55
C GLU C 123 9.57 -23.59 -3.47
N LEU C 124 8.90 -23.15 -2.40
CA LEU C 124 9.64 -22.46 -1.34
C LEU C 124 10.57 -23.40 -0.59
N LEU C 125 10.13 -24.63 -0.34
CA LEU C 125 10.98 -25.54 0.44
C LEU C 125 12.23 -25.94 -0.35
N SER C 126 12.08 -26.28 -1.63
CA SER C 126 13.22 -26.67 -2.46
C SER C 126 14.33 -25.63 -2.40
N ASP C 127 13.96 -24.35 -2.50
CA ASP C 127 14.93 -23.25 -2.46
C ASP C 127 15.59 -23.14 -1.09
N ALA C 128 14.86 -23.42 -0.01
CA ALA C 128 15.48 -23.35 1.31
C ALA C 128 16.43 -24.52 1.54
N ILE C 129 16.03 -25.72 1.15
CA ILE C 129 16.91 -26.88 1.32
C ILE C 129 18.11 -26.76 0.39
N ALA C 130 17.89 -26.23 -0.82
CA ALA C 130 18.96 -26.19 -1.82
C ALA C 130 20.10 -25.28 -1.36
N LYS C 131 19.76 -24.12 -0.81
CA LYS C 131 20.74 -23.08 -0.54
C LYS C 131 21.16 -23.02 0.92
N SER C 132 20.76 -24.01 1.74
CA SER C 132 21.15 -24.06 3.13
C SER C 132 22.32 -25.00 3.33
N ASN C 133 22.99 -24.87 4.47
CA ASN C 133 24.02 -25.82 4.80
C ASN C 133 23.38 -27.04 5.46
N GLN C 134 24.20 -28.07 5.71
CA GLN C 134 23.67 -29.29 6.28
C GLN C 134 22.95 -29.03 7.61
N ASP C 135 23.54 -28.23 8.50
CA ASP C 135 22.88 -27.91 9.77
C ASP C 135 21.49 -27.34 9.55
N HIS C 136 21.38 -26.31 8.72
CA HIS C 136 20.04 -25.77 8.47
C HIS C 136 19.18 -26.75 7.67
N LYS C 137 19.77 -27.54 6.78
CA LYS C 137 18.98 -28.57 6.10
C LYS C 137 18.34 -29.52 7.11
N GLU C 138 19.06 -29.82 8.19
CA GLU C 138 18.46 -30.61 9.28
C GLU C 138 17.30 -29.87 9.92
N LYS C 139 17.48 -28.58 10.25
CA LYS C 139 16.40 -27.83 10.88
C LYS C 139 15.19 -27.69 9.98
N ILE C 140 15.40 -27.74 8.67
CA ILE C 140 14.26 -27.74 7.77
C ILE C 140 13.53 -29.08 7.83
N ARG C 141 14.27 -30.19 7.98
CA ARG C 141 13.62 -31.51 8.07
C ARG C 141 12.67 -31.58 9.25
N MET C 142 13.06 -31.01 10.38
CA MET C 142 12.18 -30.97 11.55
C MET C 142 10.87 -30.26 11.23
N LEU C 143 10.92 -29.17 10.45
CA LEU C 143 9.66 -28.53 10.03
C LEU C 143 8.85 -29.44 9.14
N LEU C 144 9.51 -30.10 8.18
CA LEU C 144 8.79 -31.00 7.28
C LEU C 144 8.00 -32.04 8.06
N ASP C 145 8.51 -32.46 9.22
CA ASP C 145 7.78 -33.39 10.07
C ASP C 145 6.63 -32.70 10.80
N ILE C 146 6.92 -31.56 11.44
CA ILE C 146 5.90 -30.80 12.17
C ILE C 146 4.71 -30.45 11.27
N TRP C 147 4.98 -29.99 10.07
CA TRP C 147 3.87 -29.69 9.17
C TRP C 147 3.13 -30.96 8.78
N ASP C 148 3.85 -32.08 8.64
CA ASP C 148 3.14 -33.30 8.27
C ASP C 148 2.19 -33.76 9.37
N ARG C 149 2.50 -33.49 10.64
CA ARG C 149 1.69 -33.96 11.73
C ARG C 149 0.56 -32.99 12.05
N SER C 150 0.75 -31.70 11.80
CA SER C 150 -0.28 -30.71 12.02
C SER C 150 -1.33 -30.72 10.92
N GLY C 151 -0.98 -31.20 9.72
CA GLY C 151 -1.88 -31.06 8.60
C GLY C 151 -1.89 -29.67 7.99
N LEU C 152 -0.95 -28.80 8.38
CA LEU C 152 -0.96 -27.41 7.93
C LEU C 152 -1.01 -27.31 6.41
N PHE C 153 -0.16 -28.07 5.73
CA PHE C 153 -0.09 -28.06 4.29
C PHE C 153 -0.45 -29.44 3.77
N GLN C 154 -0.90 -29.46 2.52
CA GLN C 154 -1.36 -30.70 1.91
C GLN C 154 -0.26 -31.75 1.95
N LYS C 155 -0.62 -32.97 2.37
CA LYS C 155 0.39 -34.00 2.61
C LYS C 155 1.18 -34.36 1.34
N SER C 156 0.52 -34.34 0.17
CA SER C 156 1.21 -34.67 -1.07
C SER C 156 2.37 -33.74 -1.34
N TYR C 157 2.22 -32.45 -1.00
CA TYR C 157 3.28 -31.48 -1.22
C TYR C 157 4.51 -31.83 -0.38
N LEU C 158 4.31 -32.10 0.91
CA LEU C 158 5.42 -32.46 1.77
C LEU C 158 6.07 -33.77 1.33
N ASN C 159 5.28 -34.71 0.81
CA ASN C 159 5.82 -35.99 0.36
C ASN C 159 6.74 -35.83 -0.84
N ALA C 160 6.33 -35.03 -1.82
CA ALA C 160 7.20 -34.80 -2.97
C ALA C 160 8.53 -34.24 -2.51
N ILE C 161 8.48 -33.32 -1.54
CA ILE C 161 9.68 -32.72 -0.96
C ILE C 161 10.48 -33.78 -0.19
N ARG C 162 9.80 -34.51 0.68
CA ARG C 162 10.50 -35.55 1.42
C ARG C 162 11.09 -36.58 0.46
N SER C 163 10.36 -36.87 -0.63
CA SER C 163 10.79 -37.90 -1.57
C SER C 163 12.04 -37.50 -2.34
N LYS C 164 12.35 -36.22 -2.42
CA LYS C 164 13.50 -35.80 -3.21
C LYS C 164 14.66 -35.26 -2.38
N CYS C 165 14.42 -34.77 -1.17
CA CYS C 165 15.49 -34.23 -0.34
C CYS C 165 15.82 -35.11 0.85
N PHE C 166 14.82 -35.58 1.60
CA PHE C 166 15.07 -36.48 2.71
C PHE C 166 14.47 -37.87 2.45
N GLU D 3 -5.93 29.79 21.24
CA GLU D 3 -6.74 29.46 20.07
C GLU D 3 -5.88 29.21 18.82
N ASP D 4 -5.89 27.95 18.35
CA ASP D 4 -5.27 27.59 17.09
C ASP D 4 -6.31 27.68 16.00
N PRO D 5 -6.30 28.71 15.22
CA PRO D 5 -7.42 28.95 14.32
C PRO D 5 -7.09 28.47 12.93
N TYR D 6 -8.12 28.42 12.07
CA TYR D 6 -7.97 28.05 10.66
C TYR D 6 -7.83 29.33 9.86
N ASP D 7 -6.72 29.44 9.11
CA ASP D 7 -6.44 30.59 8.27
C ASP D 7 -7.14 30.42 6.93
N LEU D 8 -7.92 31.42 6.54
CA LEU D 8 -8.77 31.30 5.36
C LEU D 8 -7.95 31.73 4.14
N ASN D 9 -7.00 30.87 3.80
CA ASN D 9 -6.11 31.10 2.67
C ASN D 9 -5.47 29.81 2.17
N GLU E 3 28.63 -4.92 -19.08
CA GLU E 3 27.40 -4.35 -18.53
C GLU E 3 26.23 -4.25 -19.54
N ASP E 4 25.19 -5.05 -19.32
CA ASP E 4 23.95 -4.98 -20.08
C ASP E 4 23.01 -4.07 -19.28
N PRO E 5 22.82 -2.83 -19.67
CA PRO E 5 22.10 -1.89 -18.81
C PRO E 5 20.65 -1.68 -19.24
N TYR E 6 19.89 -1.00 -18.39
CA TYR E 6 18.54 -0.58 -18.73
C TYR E 6 18.61 0.87 -19.22
N ASP E 7 18.29 1.09 -20.51
CA ASP E 7 18.25 2.41 -21.12
C ASP E 7 16.84 2.97 -21.02
N LEU E 8 16.74 4.22 -20.58
CA LEU E 8 15.43 4.79 -20.23
C LEU E 8 14.73 5.48 -21.40
N GLU F 3 21.80 -13.81 20.56
CA GLU F 3 20.96 -14.71 19.76
C GLU F 3 19.59 -14.85 20.40
N ASP F 4 18.56 -14.32 19.73
CA ASP F 4 17.19 -14.51 20.18
C ASP F 4 16.57 -15.66 19.40
N PRO F 5 16.38 -16.84 20.00
CA PRO F 5 16.03 -18.02 19.19
C PRO F 5 14.53 -18.32 19.14
N TYR F 6 14.16 -19.19 18.19
CA TYR F 6 12.77 -19.59 17.94
C TYR F 6 12.45 -20.93 18.62
N ASP F 7 11.40 -20.92 19.44
CA ASP F 7 10.92 -22.13 20.14
C ASP F 7 9.91 -22.84 19.24
N LEU F 8 10.18 -24.12 18.93
CA LEU F 8 9.41 -24.91 17.96
C LEU F 8 8.31 -25.77 18.57
N ASN F 9 7.54 -25.26 19.53
CA ASN F 9 6.30 -25.94 19.94
C ASN F 9 5.54 -25.12 20.97
CL CL G . -4.43 15.96 -10.12
CL CL H . -10.67 -18.98 11.02
#